data_1M79
#
_entry.id   1M79
#
_cell.length_a   77.09
_cell.length_b   67.03
_cell.length_c   38.50
_cell.angle_alpha   90.00
_cell.angle_beta   93.30
_cell.angle_gamma   90.00
#
_symmetry.space_group_name_H-M   'P 1 21 1'
#
loop_
_entity.id
_entity.type
_entity.pdbx_description
1 polymer 'dihydrofolate reductase'
2 non-polymer 'NADPH DIHYDRO-NICOTINAMIDE-ADENINE-DINUCLEOTIDE PHOSPHATE'
3 non-polymer 5-(4-METHOXYPHENOXY)-2,4-QUINAZOLINEDIAMINE
4 non-polymer '2-(N-MORPHOLINO)-ETHANESULFONIC ACID'
5 water water
#
_entity_poly.entity_id   1
_entity_poly.type   'polypeptide(L)'
_entity_poly.pdbx_seq_one_letter_code
;MLKPNVAIIVAALKPALGIGYKGKMPWRLRKEIRYFKDVTTRTTKPNTRNAVIMGRKTWESIPQKFRPLPDRLNIILSRS
YENEIIDDNIIHASSIESSLNLVSDVERVFIIGGAEIYNELINNSLVSHLLITEIEHPSPESIEMDTFLKFPLESWTKQP
KSELQKFVGDTVLEDDIKEGDFTYNYTLWTRK
;
_entity_poly.pdbx_strand_id   A,B
#
# COMPACT_ATOMS: atom_id res chain seq x y z
N MET A 1 0.11 -17.42 -2.93
CA MET A 1 0.57 -16.10 -2.37
C MET A 1 -0.66 -15.19 -2.24
N LEU A 2 -0.91 -14.64 -1.04
CA LEU A 2 -2.11 -13.78 -0.90
C LEU A 2 -1.75 -12.30 -0.97
N LYS A 3 -2.44 -11.57 -1.82
CA LYS A 3 -2.29 -10.11 -1.96
C LYS A 3 -0.90 -9.53 -1.84
N PRO A 4 0.05 -10.03 -2.66
CA PRO A 4 1.42 -9.54 -2.67
C PRO A 4 1.45 -8.12 -3.27
N ASN A 5 2.49 -7.40 -2.92
CA ASN A 5 2.71 -6.06 -3.54
C ASN A 5 3.25 -6.41 -4.93
N VAL A 6 2.83 -5.70 -5.94
CA VAL A 6 3.30 -5.98 -7.32
C VAL A 6 3.92 -4.66 -7.86
N ALA A 7 5.00 -4.86 -8.65
CA ALA A 7 5.64 -3.67 -9.25
C ALA A 7 5.54 -3.72 -10.77
N ILE A 8 5.38 -2.59 -11.42
CA ILE A 8 5.43 -2.56 -12.90
C ILE A 8 6.89 -2.14 -13.23
N ILE A 9 7.43 -2.77 -14.26
CA ILE A 9 8.80 -2.29 -14.72
C ILE A 9 8.65 -2.06 -16.25
N VAL A 10 9.04 -0.84 -16.66
CA VAL A 10 8.91 -0.38 -18.05
C VAL A 10 9.93 0.75 -18.36
N ALA A 11 10.17 0.85 -19.62
CA ALA A 11 11.10 1.90 -20.16
C ALA A 11 10.22 2.73 -21.10
N ALA A 12 10.30 4.07 -20.86
CA ALA A 12 9.43 4.92 -21.73
C ALA A 12 10.17 6.20 -22.12
N LEU A 13 9.78 6.69 -23.29
CA LEU A 13 10.37 7.97 -23.80
C LEU A 13 9.52 9.17 -23.48
N LYS A 14 10.19 10.13 -22.82
CA LYS A 14 9.51 11.39 -22.45
C LYS A 14 9.47 12.32 -23.67
N PRO A 15 8.45 13.19 -23.73
CA PRO A 15 7.43 13.41 -22.74
C PRO A 15 6.12 12.66 -22.86
N ALA A 16 5.88 11.99 -23.97
CA ALA A 16 4.60 11.30 -24.18
C ALA A 16 4.49 9.93 -23.60
N LEU A 17 5.59 9.35 -23.12
CA LEU A 17 5.60 8.02 -22.52
C LEU A 17 5.27 6.95 -23.55
N GLY A 18 5.92 7.08 -24.73
CA GLY A 18 5.80 6.02 -25.77
C GLY A 18 6.65 4.83 -25.37
N ILE A 19 6.17 3.64 -25.69
CA ILE A 19 6.84 2.40 -25.32
C ILE A 19 7.00 1.36 -26.43
N GLY A 20 6.46 1.62 -27.60
CA GLY A 20 6.55 0.62 -28.67
C GLY A 20 6.13 1.18 -30.03
N TYR A 21 6.52 0.39 -30.99
CA TYR A 21 6.24 0.65 -32.41
C TYR A 21 6.21 -0.69 -33.14
N LYS A 22 5.07 -0.98 -33.69
CA LYS A 22 4.81 -2.19 -34.48
C LYS A 22 5.26 -3.46 -33.81
N GLY A 23 4.93 -3.57 -32.51
CA GLY A 23 5.16 -4.71 -31.68
C GLY A 23 6.56 -4.91 -31.12
N LYS A 24 7.40 -3.89 -31.26
CA LYS A 24 8.78 -3.93 -30.73
C LYS A 24 9.11 -2.63 -30.02
N MET A 25 10.19 -2.62 -29.28
CA MET A 25 10.68 -1.42 -28.56
C MET A 25 11.41 -0.59 -29.60
N PRO A 26 11.19 0.71 -29.60
CA PRO A 26 11.75 1.64 -30.55
C PRO A 26 13.23 1.96 -30.40
N TRP A 27 13.93 1.30 -29.52
CA TRP A 27 15.35 1.53 -29.20
C TRP A 27 15.99 0.23 -28.76
N ARG A 28 17.35 0.23 -28.73
CA ARG A 28 18.10 -0.92 -28.21
C ARG A 28 19.10 -0.25 -27.21
N LEU A 29 18.76 -0.33 -25.96
CA LEU A 29 19.62 0.23 -24.89
C LEU A 29 20.16 -0.96 -24.17
N ARG A 30 21.45 -1.22 -24.40
CA ARG A 30 22.08 -2.43 -23.82
C ARG A 30 22.22 -2.44 -22.33
N LYS A 31 22.56 -1.29 -21.75
CA LYS A 31 22.74 -1.26 -20.31
C LYS A 31 21.32 -1.37 -19.65
N GLU A 32 20.35 -0.81 -20.33
CA GLU A 32 18.95 -0.87 -19.72
C GLU A 32 18.46 -2.28 -19.72
N ILE A 33 18.72 -3.06 -20.77
CA ILE A 33 18.31 -4.51 -20.77
C ILE A 33 18.98 -5.25 -19.62
N ARG A 34 20.27 -4.91 -19.40
CA ARG A 34 21.01 -5.59 -18.29
C ARG A 34 20.41 -5.27 -16.95
N TYR A 35 20.01 -4.01 -16.73
CA TYR A 35 19.32 -3.57 -15.50
C TYR A 35 18.01 -4.41 -15.33
N PHE A 36 17.24 -4.43 -16.40
CA PHE A 36 15.93 -5.22 -16.37
C PHE A 36 16.21 -6.62 -15.90
N LYS A 37 17.22 -7.30 -16.49
CA LYS A 37 17.59 -8.67 -16.10
C LYS A 37 17.97 -8.77 -14.64
N ASP A 38 18.86 -7.91 -14.14
CA ASP A 38 19.30 -7.95 -12.75
C ASP A 38 18.17 -7.70 -11.75
N VAL A 39 17.38 -6.66 -12.02
CA VAL A 39 16.33 -6.28 -11.04
C VAL A 39 15.29 -7.41 -10.96
N THR A 40 14.91 -7.87 -12.16
CA THR A 40 13.86 -8.96 -12.13
C THR A 40 14.38 -10.27 -11.66
N THR A 41 15.70 -10.52 -11.72
CA THR A 41 16.20 -11.84 -11.25
C THR A 41 16.61 -11.86 -9.80
N ARG A 42 17.32 -10.84 -9.33
CA ARG A 42 17.87 -10.90 -7.97
C ARG A 42 16.82 -10.95 -6.85
N THR A 43 17.19 -11.81 -5.88
CA THR A 43 16.41 -11.98 -4.65
C THR A 43 17.39 -11.92 -3.45
N THR A 44 16.78 -11.71 -2.30
CA THR A 44 17.55 -11.61 -1.03
C THR A 44 17.40 -12.83 -0.15
N LYS A 45 16.22 -13.41 -0.18
CA LYS A 45 15.87 -14.61 0.59
C LYS A 45 16.42 -15.83 -0.13
N PRO A 46 16.66 -16.90 0.62
CA PRO A 46 17.29 -18.11 0.19
C PRO A 46 16.77 -18.96 -0.91
N ASN A 47 15.63 -19.58 -0.67
CA ASN A 47 15.06 -20.55 -1.61
C ASN A 47 14.01 -19.92 -2.47
N THR A 48 14.27 -18.63 -2.80
CA THR A 48 13.22 -17.93 -3.59
C THR A 48 13.69 -17.48 -4.96
N ARG A 49 12.66 -17.05 -5.69
CA ARG A 49 12.82 -16.46 -7.03
C ARG A 49 11.71 -15.38 -7.15
N ASN A 50 11.87 -14.61 -8.21
CA ASN A 50 10.83 -13.58 -8.47
C ASN A 50 9.94 -14.15 -9.58
N ALA A 51 8.80 -13.53 -9.73
CA ALA A 51 7.88 -13.94 -10.82
C ALA A 51 7.78 -12.71 -11.75
N VAL A 52 7.65 -12.99 -13.03
CA VAL A 52 7.41 -11.95 -14.04
C VAL A 52 6.05 -12.26 -14.71
N ILE A 53 5.25 -11.24 -14.84
CA ILE A 53 3.90 -11.43 -15.51
C ILE A 53 3.95 -10.70 -16.81
N MET A 54 3.42 -11.35 -17.86
CA MET A 54 3.37 -10.70 -19.21
C MET A 54 2.05 -11.07 -19.89
N GLY A 55 1.71 -10.29 -20.88
CA GLY A 55 0.49 -10.60 -21.74
C GLY A 55 0.89 -11.64 -22.76
N ARG A 56 -0.08 -12.34 -23.31
CA ARG A 56 0.15 -13.43 -24.29
C ARG A 56 0.92 -12.94 -25.51
N LYS A 57 0.61 -11.74 -25.99
CA LYS A 57 1.29 -11.23 -27.19
C LYS A 57 2.80 -11.05 -26.93
N THR A 58 3.13 -10.54 -25.75
CA THR A 58 4.55 -10.40 -25.36
C THR A 58 5.21 -11.78 -25.35
N TRP A 59 4.60 -12.78 -24.70
CA TRP A 59 5.19 -14.13 -24.64
C TRP A 59 5.44 -14.65 -26.07
N GLU A 60 4.42 -14.55 -26.91
CA GLU A 60 4.57 -15.06 -28.28
C GLU A 60 5.63 -14.34 -29.08
N SER A 61 6.03 -13.14 -28.69
CA SER A 61 7.06 -12.33 -29.36
C SER A 61 8.46 -12.78 -28.95
N ILE A 62 8.59 -13.62 -27.95
CA ILE A 62 9.94 -14.10 -27.57
C ILE A 62 10.15 -15.36 -28.45
N PRO A 63 11.29 -15.43 -29.12
CA PRO A 63 11.60 -16.67 -29.94
C PRO A 63 11.46 -17.89 -29.05
N GLN A 64 10.83 -18.95 -29.52
CA GLN A 64 10.55 -20.14 -28.68
C GLN A 64 11.72 -20.68 -27.93
N LYS A 65 12.93 -20.57 -28.54
CA LYS A 65 14.16 -21.08 -27.96
C LYS A 65 14.58 -20.26 -26.73
N PHE A 66 14.11 -19.02 -26.68
CA PHE A 66 14.48 -18.11 -25.59
C PHE A 66 13.46 -17.94 -24.48
N ARG A 67 12.48 -18.83 -24.48
CA ARG A 67 11.43 -18.74 -23.44
C ARG A 67 11.36 -20.11 -22.78
N PRO A 68 11.06 -20.19 -21.49
CA PRO A 68 10.70 -19.05 -20.65
C PRO A 68 11.94 -18.21 -20.30
N LEU A 69 11.72 -16.99 -19.80
CA LEU A 69 12.86 -16.17 -19.30
C LEU A 69 13.49 -16.87 -18.15
N PRO A 70 14.83 -17.08 -18.23
CA PRO A 70 15.51 -17.89 -17.22
C PRO A 70 15.54 -17.29 -15.85
N ASP A 71 15.57 -18.15 -14.85
CA ASP A 71 15.75 -17.83 -13.46
C ASP A 71 14.59 -17.10 -12.80
N ARG A 72 13.47 -17.00 -13.46
CA ARG A 72 12.26 -16.36 -12.87
C ARG A 72 11.06 -17.26 -13.27
N LEU A 73 10.07 -17.18 -12.36
CA LEU A 73 8.79 -17.91 -12.69
C LEU A 73 8.06 -17.00 -13.71
N ASN A 74 7.72 -17.57 -14.86
CA ASN A 74 7.02 -16.84 -15.94
C ASN A 74 5.48 -17.11 -15.80
N ILE A 75 4.78 -15.97 -15.76
CA ILE A 75 3.30 -16.06 -15.71
C ILE A 75 2.82 -15.38 -17.01
N ILE A 76 1.94 -16.06 -17.73
CA ILE A 76 1.42 -15.45 -18.96
C ILE A 76 -0.12 -15.31 -18.80
N LEU A 77 -0.60 -14.09 -19.05
CA LEU A 77 -2.09 -13.89 -18.95
C LEU A 77 -2.70 -13.88 -20.33
N SER A 78 -3.88 -14.55 -20.36
CA SER A 78 -4.72 -14.51 -21.58
C SER A 78 -6.20 -14.66 -21.02
N ARG A 79 -7.08 -13.94 -21.67
CA ARG A 79 -8.52 -14.11 -21.24
C ARG A 79 -9.01 -15.51 -21.57
N SER A 80 -8.37 -16.21 -22.46
CA SER A 80 -8.69 -17.57 -22.91
C SER A 80 -8.05 -18.69 -22.11
N TYR A 81 -7.14 -18.38 -21.19
CA TYR A 81 -6.44 -19.39 -20.44
C TYR A 81 -7.13 -19.88 -19.21
N GLU A 82 -6.93 -21.17 -18.98
CA GLU A 82 -7.38 -21.78 -17.70
C GLU A 82 -6.26 -21.52 -16.70
N ASN A 83 -6.57 -21.50 -15.44
CA ASN A 83 -5.54 -21.28 -14.38
C ASN A 83 -4.82 -22.61 -14.23
N GLU A 84 -3.58 -22.66 -14.73
CA GLU A 84 -2.87 -23.95 -14.76
C GLU A 84 -1.36 -23.77 -14.62
N ILE A 85 -0.77 -24.75 -13.98
CA ILE A 85 0.71 -24.81 -13.86
C ILE A 85 1.17 -25.69 -15.03
N ILE A 86 1.97 -25.17 -15.90
CA ILE A 86 2.54 -25.91 -17.03
C ILE A 86 3.72 -26.73 -16.52
N ASP A 87 4.69 -26.05 -15.94
CA ASP A 87 5.86 -26.68 -15.32
C ASP A 87 6.31 -25.80 -14.15
N ASP A 88 7.49 -26.12 -13.63
CA ASP A 88 7.95 -25.27 -12.48
C ASP A 88 8.28 -23.84 -12.87
N ASN A 89 8.31 -23.50 -14.15
CA ASN A 89 8.69 -22.12 -14.56
C ASN A 89 7.62 -21.41 -15.34
N ILE A 90 6.54 -22.11 -15.65
CA ILE A 90 5.49 -21.47 -16.50
C ILE A 90 4.09 -21.70 -15.87
N ILE A 91 3.40 -20.59 -15.78
CA ILE A 91 1.99 -20.57 -15.30
C ILE A 91 1.14 -19.88 -16.34
N HIS A 92 -0.05 -20.44 -16.55
CA HIS A 92 -1.08 -19.78 -17.43
C HIS A 92 -2.25 -19.37 -16.49
N ALA A 93 -2.77 -18.18 -16.74
CA ALA A 93 -3.90 -17.68 -15.95
C ALA A 93 -4.67 -16.65 -16.74
N SER A 94 -5.94 -16.35 -16.27
CA SER A 94 -6.67 -15.29 -16.98
C SER A 94 -6.76 -14.03 -16.15
N SER A 95 -6.21 -14.03 -14.93
CA SER A 95 -6.21 -12.85 -14.09
C SER A 95 -4.93 -12.83 -13.23
N ILE A 96 -4.52 -11.59 -12.89
CA ILE A 96 -3.30 -11.53 -12.04
C ILE A 96 -3.47 -12.23 -10.78
N GLU A 97 -4.67 -11.92 -10.12
CA GLU A 97 -4.85 -12.51 -8.81
C GLU A 97 -4.97 -14.00 -8.77
N SER A 98 -5.68 -14.61 -9.74
CA SER A 98 -5.78 -16.04 -9.89
C SER A 98 -4.38 -16.66 -10.03
N SER A 99 -3.55 -16.04 -10.85
CA SER A 99 -2.21 -16.54 -11.09
C SER A 99 -1.40 -16.64 -9.78
N LEU A 100 -1.51 -15.64 -8.92
CA LEU A 100 -0.70 -15.63 -7.66
C LEU A 100 -1.11 -16.65 -6.66
N ASN A 101 -2.32 -17.20 -6.81
CA ASN A 101 -2.80 -18.28 -5.91
C ASN A 101 -2.04 -19.57 -6.21
N LEU A 102 -1.45 -19.67 -7.39
CA LEU A 102 -0.67 -20.81 -7.84
C LEU A 102 0.81 -20.79 -7.50
N VAL A 103 1.27 -19.71 -6.90
CA VAL A 103 2.71 -19.59 -6.61
C VAL A 103 3.03 -19.70 -5.12
N SER A 104 4.24 -20.17 -4.91
CA SER A 104 4.89 -20.31 -3.58
C SER A 104 6.40 -20.03 -3.77
N ASP A 105 7.08 -19.67 -2.72
CA ASP A 105 8.51 -19.37 -2.77
C ASP A 105 8.86 -18.28 -3.79
N VAL A 106 7.99 -17.26 -3.82
CA VAL A 106 8.26 -16.08 -4.68
C VAL A 106 8.57 -14.95 -3.73
N GLU A 107 9.57 -14.17 -4.09
CA GLU A 107 9.91 -12.96 -3.28
C GLU A 107 9.22 -11.75 -3.86
N ARG A 108 9.54 -11.34 -5.07
CA ARG A 108 8.85 -10.15 -5.64
C ARG A 108 8.15 -10.52 -6.96
N VAL A 109 7.16 -9.74 -7.27
CA VAL A 109 6.39 -9.92 -8.55
C VAL A 109 6.49 -8.66 -9.41
N PHE A 110 6.80 -8.84 -10.68
CA PHE A 110 6.93 -7.74 -11.62
C PHE A 110 6.07 -7.97 -12.86
N ILE A 111 5.36 -6.94 -13.24
CA ILE A 111 4.62 -6.91 -14.53
C ILE A 111 5.65 -6.36 -15.52
N ILE A 112 5.84 -7.11 -16.62
CA ILE A 112 6.88 -6.74 -17.59
C ILE A 112 6.39 -6.36 -18.95
N GLY A 113 5.06 -6.21 -19.09
CA GLY A 113 4.51 -5.77 -20.38
C GLY A 113 3.52 -6.73 -20.94
N GLY A 114 2.90 -6.41 -22.07
CA GLY A 114 3.01 -5.23 -22.85
C GLY A 114 2.03 -4.14 -22.52
N ALA A 115 1.78 -3.37 -23.59
CA ALA A 115 0.98 -2.13 -23.41
C ALA A 115 -0.43 -2.38 -22.88
N GLU A 116 -1.12 -3.38 -23.40
CA GLU A 116 -2.49 -3.62 -22.86
C GLU A 116 -2.46 -3.99 -21.42
N ILE A 117 -1.57 -4.91 -21.06
CA ILE A 117 -1.33 -5.32 -19.63
C ILE A 117 -1.04 -4.10 -18.79
N TYR A 118 -0.03 -3.31 -19.17
CA TYR A 118 0.30 -2.13 -18.39
C TYR A 118 -0.91 -1.19 -18.12
N ASN A 119 -1.60 -0.80 -19.14
CA ASN A 119 -2.70 0.17 -19.15
C ASN A 119 -3.92 -0.29 -18.35
N GLU A 120 -4.11 -1.59 -18.30
CA GLU A 120 -5.20 -2.18 -17.49
C GLU A 120 -4.79 -2.37 -16.06
N LEU A 121 -3.62 -3.00 -15.82
CA LEU A 121 -3.16 -3.28 -14.46
C LEU A 121 -2.68 -2.16 -13.62
N ILE A 122 -2.45 -0.99 -14.18
CA ILE A 122 -2.04 0.19 -13.41
C ILE A 122 -3.16 0.52 -12.40
N ASN A 123 -4.41 0.21 -12.81
CA ASN A 123 -5.55 0.52 -11.93
C ASN A 123 -5.89 -0.61 -10.97
N ASN A 124 -5.10 -1.59 -10.82
CA ASN A 124 -5.37 -2.73 -9.87
C ASN A 124 -4.59 -2.33 -8.61
N SER A 125 -5.32 -2.31 -7.48
CA SER A 125 -4.69 -1.86 -6.24
C SER A 125 -3.58 -2.76 -5.77
N LEU A 126 -3.35 -3.94 -6.34
CA LEU A 126 -2.19 -4.76 -5.96
C LEU A 126 -0.87 -4.07 -6.44
N VAL A 127 -0.99 -3.26 -7.46
CA VAL A 127 0.23 -2.55 -7.98
C VAL A 127 0.61 -1.44 -7.01
N SER A 128 1.80 -1.56 -6.38
CA SER A 128 2.24 -0.59 -5.40
C SER A 128 3.44 0.25 -5.80
N HIS A 129 4.18 -0.23 -6.82
CA HIS A 129 5.44 0.47 -7.19
C HIS A 129 5.62 0.46 -8.71
N LEU A 130 6.15 1.57 -9.24
CA LEU A 130 6.43 1.64 -10.67
C LEU A 130 7.98 1.89 -10.78
N LEU A 131 8.54 1.03 -11.57
CA LEU A 131 10.01 1.19 -11.90
C LEU A 131 9.97 1.61 -13.37
N ILE A 132 10.12 2.96 -13.52
CA ILE A 132 10.11 3.55 -14.84
C ILE A 132 11.50 4.09 -15.22
N THR A 133 11.95 3.55 -16.36
CA THR A 133 13.23 4.16 -16.89
C THR A 133 12.75 5.31 -17.79
N GLU A 134 13.16 6.52 -17.40
CA GLU A 134 12.74 7.71 -18.15
C GLU A 134 13.81 7.99 -19.21
N ILE A 135 13.43 7.86 -20.43
CA ILE A 135 14.34 8.05 -21.57
C ILE A 135 14.09 9.44 -22.16
N GLU A 136 15.23 10.06 -22.53
CA GLU A 136 15.14 11.41 -23.13
C GLU A 136 15.94 11.42 -24.40
N HIS A 137 15.46 12.25 -25.33
CA HIS A 137 16.08 12.34 -26.69
C HIS A 137 15.94 13.79 -27.12
N PRO A 138 16.94 14.27 -27.86
CA PRO A 138 16.94 15.66 -28.35
C PRO A 138 15.73 15.98 -29.23
N SER A 139 15.26 15.06 -30.02
CA SER A 139 14.13 15.17 -30.95
C SER A 139 13.21 13.94 -30.89
N PRO A 140 12.46 13.89 -29.78
CA PRO A 140 11.55 12.76 -29.53
C PRO A 140 10.52 12.57 -30.61
N GLU A 141 10.27 13.61 -31.38
CA GLU A 141 9.27 13.56 -32.46
C GLU A 141 9.75 12.76 -33.66
N SER A 142 11.06 12.60 -33.77
CA SER A 142 11.62 11.84 -34.90
C SER A 142 11.51 10.34 -34.71
N ILE A 143 11.20 9.93 -33.48
CA ILE A 143 11.08 8.50 -33.15
C ILE A 143 9.64 8.04 -33.35
N GLU A 144 9.48 7.10 -34.26
CA GLU A 144 8.11 6.55 -34.51
C GLU A 144 7.66 5.65 -33.37
N MET A 145 6.44 5.91 -32.94
CA MET A 145 5.91 5.10 -31.77
C MET A 145 4.38 5.02 -32.04
N ASP A 146 3.82 3.89 -31.65
CA ASP A 146 2.36 3.70 -31.82
C ASP A 146 1.68 3.29 -30.53
N THR A 147 2.44 3.08 -29.51
CA THR A 147 1.94 2.53 -28.19
C THR A 147 2.44 3.41 -27.08
N PHE A 148 1.57 3.79 -26.15
CA PHE A 148 1.90 4.76 -25.09
C PHE A 148 1.30 4.33 -23.75
N LEU A 149 2.00 4.72 -22.69
CA LEU A 149 1.47 4.46 -21.34
C LEU A 149 0.33 5.48 -21.11
N LYS A 150 -0.72 4.96 -20.51
CA LYS A 150 -1.86 5.81 -20.11
C LYS A 150 -1.92 5.66 -18.59
N PHE A 151 -0.92 6.27 -17.95
CA PHE A 151 -0.78 6.19 -16.50
C PHE A 151 -1.20 7.47 -15.77
N PRO A 152 -1.98 7.27 -14.72
CA PRO A 152 -2.46 8.45 -13.93
C PRO A 152 -1.44 8.92 -12.95
N LEU A 153 -0.33 9.47 -13.41
CA LEU A 153 0.80 9.87 -12.57
C LEU A 153 0.54 10.94 -11.57
N GLU A 154 -0.61 11.63 -11.74
CA GLU A 154 -0.96 12.65 -10.68
C GLU A 154 -1.32 12.01 -9.40
N SER A 155 -1.57 10.72 -9.39
CA SER A 155 -1.87 9.89 -8.24
C SER A 155 -0.66 9.18 -7.66
N TRP A 156 0.51 9.39 -8.26
CA TRP A 156 1.74 8.68 -7.82
C TRP A 156 2.82 9.74 -7.51
N THR A 157 3.75 9.35 -6.65
CA THR A 157 4.86 10.21 -6.22
C THR A 157 6.21 9.60 -6.68
N LYS A 158 7.00 10.45 -7.32
CA LYS A 158 8.37 9.98 -7.70
C LYS A 158 9.24 10.11 -6.45
N GLN A 159 9.88 9.04 -6.07
CA GLN A 159 10.74 8.98 -4.87
C GLN A 159 12.19 9.42 -5.24
N PRO A 160 12.93 9.76 -4.19
CA PRO A 160 14.36 10.12 -4.35
C PRO A 160 15.14 8.87 -4.73
N LYS A 161 16.31 9.07 -5.36
CA LYS A 161 17.16 7.98 -5.76
C LYS A 161 17.50 7.02 -4.63
N SER A 162 17.59 7.53 -3.40
CA SER A 162 17.90 6.73 -2.22
C SER A 162 16.89 5.60 -2.06
N GLU A 163 15.61 5.98 -2.35
CA GLU A 163 14.54 4.94 -2.20
C GLU A 163 14.68 3.88 -3.27
N LEU A 164 15.00 4.30 -4.52
CA LEU A 164 15.20 3.29 -5.56
C LEU A 164 16.35 2.39 -5.19
N GLN A 165 17.43 3.03 -4.71
CA GLN A 165 18.62 2.22 -4.35
C GLN A 165 18.29 1.14 -3.38
N LYS A 166 17.51 1.50 -2.34
CA LYS A 166 17.11 0.50 -1.32
C LYS A 166 16.22 -0.57 -1.96
N PHE A 167 15.40 -0.18 -2.92
CA PHE A 167 14.50 -1.17 -3.59
C PHE A 167 15.31 -2.19 -4.33
N VAL A 168 16.34 -1.81 -5.07
CA VAL A 168 17.11 -2.73 -5.90
C VAL A 168 18.31 -3.37 -5.21
N GLY A 169 18.60 -2.99 -4.00
CA GLY A 169 19.72 -3.58 -3.22
C GLY A 169 21.09 -3.30 -3.84
N ASP A 170 21.86 -4.33 -4.17
CA ASP A 170 23.19 -4.25 -4.73
C ASP A 170 23.37 -3.69 -6.13
N THR A 171 22.37 -3.74 -6.95
CA THR A 171 22.42 -3.29 -8.35
C THR A 171 23.00 -1.88 -8.46
N VAL A 172 23.94 -1.77 -9.40
CA VAL A 172 24.56 -0.47 -9.72
C VAL A 172 23.58 0.36 -10.56
N LEU A 173 23.33 1.57 -10.05
CA LEU A 173 22.50 2.55 -10.71
C LEU A 173 23.35 3.76 -11.14
N GLU A 174 23.69 3.75 -12.42
CA GLU A 174 24.42 4.95 -12.95
C GLU A 174 23.44 6.04 -13.28
N ASP A 175 23.90 7.28 -13.33
CA ASP A 175 23.08 8.46 -13.63
C ASP A 175 23.29 8.95 -15.04
N ASP A 176 22.26 9.48 -15.68
CA ASP A 176 22.31 10.00 -17.06
C ASP A 176 23.07 9.13 -18.02
N ILE A 177 22.62 7.90 -18.14
CA ILE A 177 23.28 6.93 -19.01
C ILE A 177 23.03 7.29 -20.46
N LYS A 178 24.11 7.27 -21.23
CA LYS A 178 23.96 7.67 -22.64
C LYS A 178 24.29 6.51 -23.54
N GLU A 179 23.45 6.32 -24.51
CA GLU A 179 23.66 5.30 -25.54
C GLU A 179 23.11 5.94 -26.82
N GLY A 180 24.01 6.22 -27.77
CA GLY A 180 23.54 6.94 -28.99
C GLY A 180 23.07 8.32 -28.56
N ASP A 181 21.90 8.69 -29.09
CA ASP A 181 21.30 10.00 -28.79
C ASP A 181 20.38 9.99 -27.57
N PHE A 182 20.25 8.83 -26.95
CA PHE A 182 19.33 8.70 -25.79
C PHE A 182 20.09 8.86 -24.48
N THR A 183 19.45 9.51 -23.53
CA THR A 183 19.97 9.63 -22.16
C THR A 183 18.86 9.03 -21.25
N TYR A 184 19.23 8.25 -20.27
CA TYR A 184 18.16 7.68 -19.39
C TYR A 184 18.54 7.61 -17.95
N ASN A 185 17.50 7.50 -17.11
CA ASN A 185 17.62 7.41 -15.66
C ASN A 185 16.48 6.42 -15.18
N TYR A 186 16.85 5.73 -14.16
CA TYR A 186 15.91 4.77 -13.47
C TYR A 186 15.20 5.55 -12.38
N THR A 187 13.89 5.29 -12.23
CA THR A 187 13.10 6.03 -11.20
C THR A 187 12.16 5.02 -10.50
N LEU A 188 11.75 5.43 -9.33
CA LEU A 188 10.79 4.60 -8.53
C LEU A 188 9.61 5.55 -8.17
N TRP A 189 8.41 5.01 -8.30
CA TRP A 189 7.17 5.82 -7.96
C TRP A 189 6.31 5.02 -7.02
N THR A 190 5.66 5.67 -6.05
CA THR A 190 4.73 4.93 -5.16
C THR A 190 3.40 5.72 -5.13
N ARG A 191 2.36 5.06 -4.62
CA ARG A 191 1.04 5.73 -4.65
C ARG A 191 0.99 6.83 -3.57
N LYS A 192 0.31 7.91 -3.92
CA LYS A 192 0.08 8.98 -2.91
C LYS A 192 -0.99 8.58 -1.92
N MET B 1 -10.87 3.68 -9.86
CA MET B 1 -10.37 2.58 -8.98
C MET B 1 -11.16 2.66 -7.68
N LEU B 2 -11.62 1.50 -7.22
CA LEU B 2 -12.38 1.53 -5.92
C LEU B 2 -11.33 1.64 -4.80
N LYS B 3 -11.75 2.44 -3.84
CA LYS B 3 -10.86 2.66 -2.66
C LYS B 3 -11.69 2.43 -1.41
N PRO B 4 -11.02 1.97 -0.36
CA PRO B 4 -11.68 1.78 0.94
C PRO B 4 -11.89 3.15 1.61
N ASN B 5 -12.76 3.08 2.61
CA ASN B 5 -13.06 4.33 3.42
C ASN B 5 -12.33 4.15 4.76
N VAL B 6 -11.29 4.95 4.94
CA VAL B 6 -10.39 4.83 6.08
C VAL B 6 -10.32 6.03 7.01
N ALA B 7 -10.23 5.77 8.29
CA ALA B 7 -10.11 6.85 9.29
C ALA B 7 -9.13 6.38 10.37
N ILE B 8 -8.46 7.34 10.97
CA ILE B 8 -7.57 7.08 12.10
C ILE B 8 -8.43 7.50 13.35
N ILE B 9 -8.32 6.73 14.38
CA ILE B 9 -9.03 7.03 15.64
C ILE B 9 -7.99 6.92 16.75
N VAL B 10 -7.95 8.00 17.55
CA VAL B 10 -6.90 8.07 18.62
C VAL B 10 -7.38 9.05 19.71
N ALA B 11 -6.79 8.89 20.87
CA ALA B 11 -7.02 9.74 22.06
C ALA B 11 -5.67 10.34 22.47
N ALA B 12 -5.64 11.68 22.53
CA ALA B 12 -4.33 12.36 22.83
C ALA B 12 -4.50 13.47 23.84
N LEU B 13 -3.41 13.72 24.56
CA LEU B 13 -3.44 14.79 25.57
C LEU B 13 -2.83 16.06 25.03
N LYS B 14 -3.60 17.12 25.12
CA LYS B 14 -3.17 18.45 24.75
C LYS B 14 -2.28 19.03 25.86
N PRO B 15 -1.36 19.93 25.47
CA PRO B 15 -1.14 20.39 24.12
C PRO B 15 -0.16 19.61 23.28
N ALA B 16 0.66 18.74 23.90
CA ALA B 16 1.67 17.99 23.15
C ALA B 16 1.18 16.85 22.30
N LEU B 17 -0.03 16.35 22.49
CA LEU B 17 -0.53 15.22 21.70
C LEU B 17 0.19 13.93 22.04
N GLY B 18 0.36 13.77 23.35
CA GLY B 18 0.97 12.55 23.92
C GLY B 18 -0.08 11.45 23.82
N ILE B 19 0.36 10.25 23.46
CA ILE B 19 -0.55 9.10 23.32
C ILE B 19 -0.19 7.88 24.10
N GLY B 20 1.00 7.82 24.75
CA GLY B 20 1.37 6.58 25.44
C GLY B 20 2.65 6.75 26.28
N TYR B 21 2.81 5.77 27.12
CA TYR B 21 4.00 5.72 27.99
C TYR B 21 4.27 4.26 28.31
N LYS B 22 5.48 3.87 27.93
CA LYS B 22 5.98 2.50 28.18
C LYS B 22 5.04 1.44 27.67
N GLY B 23 4.48 1.72 26.46
CA GLY B 23 3.59 0.79 25.80
C GLY B 23 2.17 0.79 26.24
N LYS B 24 1.78 1.66 27.13
CA LYS B 24 0.35 1.73 27.57
C LYS B 24 -0.16 3.15 27.41
N MET B 25 -1.48 3.26 27.52
CA MET B 25 -2.11 4.63 27.46
C MET B 25 -2.04 5.10 28.93
N PRO B 26 -1.68 6.36 29.09
CA PRO B 26 -1.48 6.93 30.40
C PRO B 26 -2.75 7.22 31.20
N TRP B 27 -3.89 6.82 30.72
CA TRP B 27 -5.19 7.13 31.40
C TRP B 27 -6.13 5.96 31.19
N ARG B 28 -7.19 5.94 32.01
CA ARG B 28 -8.24 4.89 31.83
C ARG B 28 -9.55 5.69 31.90
N LEU B 29 -10.11 5.94 30.72
CA LEU B 29 -11.34 6.77 30.60
C LEU B 29 -12.46 5.85 30.16
N ARG B 30 -13.38 5.62 31.06
CA ARG B 30 -14.46 4.66 30.86
C ARG B 30 -15.38 5.00 29.74
N LYS B 31 -15.79 6.29 29.66
CA LYS B 31 -16.71 6.69 28.61
C LYS B 31 -15.99 6.66 27.23
N GLU B 32 -14.76 7.15 27.25
CA GLU B 32 -13.93 7.17 26.01
C GLU B 32 -13.76 5.78 25.45
N ILE B 33 -13.50 4.79 26.30
CA ILE B 33 -13.41 3.39 25.79
C ILE B 33 -14.72 2.96 25.15
N ARG B 34 -15.85 3.30 25.74
CA ARG B 34 -17.16 2.97 25.19
C ARG B 34 -17.39 3.64 23.84
N TYR B 35 -16.99 4.90 23.71
CA TYR B 35 -17.11 5.60 22.39
C TYR B 35 -16.26 4.83 21.37
N PHE B 36 -15.01 4.49 21.79
CA PHE B 36 -14.15 3.71 20.85
C PHE B 36 -14.90 2.46 20.35
N LYS B 37 -15.40 1.68 21.28
CA LYS B 37 -16.13 0.44 20.93
C LYS B 37 -17.31 0.75 20.03
N ASP B 38 -18.15 1.72 20.36
CA ASP B 38 -19.33 2.05 19.53
C ASP B 38 -19.01 2.53 18.13
N VAL B 39 -18.08 3.50 18.02
CA VAL B 39 -17.76 4.07 16.71
C VAL B 39 -17.09 3.02 15.82
N THR B 40 -16.16 2.26 16.39
CA THR B 40 -15.51 1.24 15.52
C THR B 40 -16.38 0.04 15.18
N THR B 41 -17.43 -0.21 15.93
CA THR B 41 -18.32 -1.41 15.66
C THR B 41 -19.50 -1.04 14.82
N ARG B 42 -20.07 0.14 15.06
CA ARG B 42 -21.33 0.54 14.38
C ARG B 42 -21.20 0.56 12.88
N THR B 43 -22.30 0.11 12.19
CA THR B 43 -22.41 0.12 10.75
C THR B 43 -23.76 0.75 10.32
N THR B 44 -23.92 0.99 9.03
CA THR B 44 -25.14 1.65 8.56
C THR B 44 -26.28 0.65 8.38
N LYS B 45 -25.95 -0.60 8.24
CA LYS B 45 -27.00 -1.64 8.01
C LYS B 45 -26.61 -2.89 8.75
N PRO B 46 -27.62 -3.71 9.07
CA PRO B 46 -27.38 -4.94 9.83
C PRO B 46 -26.56 -5.92 8.99
N ASN B 47 -25.93 -6.87 9.64
CA ASN B 47 -25.21 -7.95 8.96
C ASN B 47 -24.02 -7.45 8.13
N THR B 48 -23.45 -6.33 8.59
CA THR B 48 -22.19 -5.83 7.92
C THR B 48 -21.23 -5.55 9.08
N ARG B 49 -19.96 -5.29 8.79
CA ARG B 49 -18.99 -5.02 9.87
C ARG B 49 -17.87 -4.09 9.36
N ASN B 50 -17.07 -3.61 10.30
CA ASN B 50 -15.91 -2.76 10.00
C ASN B 50 -14.64 -3.59 10.27
N ALA B 51 -13.52 -3.01 9.79
CA ALA B 51 -12.23 -3.67 10.09
C ALA B 51 -11.45 -2.72 10.99
N VAL B 52 -10.54 -3.26 11.79
CA VAL B 52 -9.64 -2.37 12.56
C VAL B 52 -8.19 -2.87 12.19
N ILE B 53 -7.34 -1.93 11.94
CA ILE B 53 -5.91 -2.30 11.56
C ILE B 53 -5.06 -1.89 12.73
N MET B 54 -4.07 -2.72 13.13
CA MET B 54 -3.21 -2.37 14.29
C MET B 54 -1.79 -2.96 14.04
N GLY B 55 -0.84 -2.38 14.75
CA GLY B 55 0.56 -2.92 14.65
C GLY B 55 0.66 -4.11 15.60
N ARG B 56 1.71 -4.96 15.34
CA ARG B 56 1.88 -6.17 16.17
C ARG B 56 2.01 -5.86 17.66
N LYS B 57 2.70 -4.74 17.98
CA LYS B 57 2.94 -4.47 19.41
C LYS B 57 1.61 -4.20 20.13
N THR B 58 0.72 -3.49 19.47
CA THR B 58 -0.65 -3.22 20.04
C THR B 58 -1.38 -4.53 20.20
N TRP B 59 -1.39 -5.41 19.18
CA TRP B 59 -2.08 -6.70 19.30
C TRP B 59 -1.60 -7.50 20.53
N GLU B 60 -0.30 -7.62 20.66
CA GLU B 60 0.31 -8.44 21.71
C GLU B 60 -0.01 -7.91 23.08
N SER B 61 -0.27 -6.63 23.14
CA SER B 61 -0.69 -5.96 24.36
C SER B 61 -2.07 -6.30 24.83
N ILE B 62 -2.87 -6.95 24.00
CA ILE B 62 -4.26 -7.29 24.44
C ILE B 62 -4.17 -8.68 25.09
N PRO B 63 -4.67 -8.83 26.29
CA PRO B 63 -4.66 -10.15 26.98
C PRO B 63 -5.38 -11.12 26.04
N GLN B 64 -4.83 -12.31 25.91
CA GLN B 64 -5.36 -13.30 24.96
C GLN B 64 -6.83 -13.58 25.03
N LYS B 65 -7.48 -13.44 26.20
CA LYS B 65 -8.91 -13.72 26.33
C LYS B 65 -9.76 -12.62 25.68
N PHE B 66 -9.17 -11.46 25.51
CA PHE B 66 -9.85 -10.29 24.93
C PHE B 66 -9.59 -10.05 23.46
N ARG B 67 -8.90 -10.97 22.82
CA ARG B 67 -8.64 -10.78 21.35
C ARG B 67 -9.26 -11.95 20.63
N PRO B 68 -9.74 -11.82 19.42
CA PRO B 68 -9.70 -10.54 18.67
C PRO B 68 -10.75 -9.59 19.24
N LEU B 69 -10.62 -8.29 18.90
CA LEU B 69 -11.68 -7.33 19.37
C LEU B 69 -12.93 -7.79 18.66
N PRO B 70 -14.00 -7.95 19.42
CA PRO B 70 -15.23 -8.51 18.90
C PRO B 70 -15.96 -7.70 17.88
N ASP B 71 -16.66 -8.36 16.99
CA ASP B 71 -17.59 -7.78 16.03
C ASP B 71 -16.92 -6.96 14.92
N ARG B 72 -15.60 -7.07 14.82
CA ARG B 72 -14.89 -6.30 13.76
C ARG B 72 -13.82 -7.22 13.18
N LEU B 73 -13.50 -6.99 11.93
CA LEU B 73 -12.37 -7.78 11.32
C LEU B 73 -11.07 -7.23 11.90
N ASN B 74 -10.18 -8.04 12.45
CA ASN B 74 -8.93 -7.52 13.05
C ASN B 74 -7.75 -7.83 12.09
N ILE B 75 -7.04 -6.81 11.67
CA ILE B 75 -5.88 -6.98 10.78
C ILE B 75 -4.64 -6.52 11.62
N ILE B 76 -3.66 -7.41 11.60
CA ILE B 76 -2.45 -7.11 12.44
C ILE B 76 -1.23 -7.05 11.46
N LEU B 77 -0.41 -6.01 11.64
CA LEU B 77 0.76 -5.78 10.78
C LEU B 77 2.08 -6.16 11.51
N SER B 78 2.88 -6.91 10.80
CA SER B 78 4.26 -7.22 11.31
C SER B 78 5.11 -7.42 10.05
N ARG B 79 6.38 -6.98 10.14
CA ARG B 79 7.32 -7.17 9.03
C ARG B 79 7.77 -8.62 8.94
N SER B 80 7.47 -9.42 9.93
CA SER B 80 7.76 -10.84 9.96
C SER B 80 6.67 -11.75 9.45
N TYR B 81 5.45 -11.23 9.22
CA TYR B 81 4.37 -12.04 8.75
C TYR B 81 4.38 -12.28 7.25
N GLU B 82 3.69 -13.39 6.93
CA GLU B 82 3.31 -13.62 5.51
C GLU B 82 1.79 -13.21 5.52
N ASN B 83 1.30 -12.71 4.48
CA ASN B 83 -0.17 -12.38 4.38
C ASN B 83 -0.91 -13.74 4.54
N GLU B 84 -1.78 -13.76 5.50
CA GLU B 84 -2.54 -14.98 5.83
C GLU B 84 -3.86 -14.67 6.51
N ILE B 85 -4.89 -15.37 6.04
CA ILE B 85 -6.22 -15.25 6.72
C ILE B 85 -6.22 -16.39 7.78
N ILE B 86 -6.23 -16.03 9.02
CA ILE B 86 -6.21 -17.05 10.10
C ILE B 86 -7.63 -17.64 10.24
N ASP B 87 -8.56 -16.73 10.37
CA ASP B 87 -10.01 -17.15 10.45
C ASP B 87 -10.83 -15.95 9.96
N ASP B 88 -12.17 -16.00 10.17
CA ASP B 88 -13.01 -14.88 9.67
C ASP B 88 -12.78 -13.57 10.42
N ASN B 89 -12.13 -13.64 11.56
CA ASN B 89 -11.93 -12.42 12.39
C ASN B 89 -10.52 -11.89 12.47
N ILE B 90 -9.57 -12.70 12.04
CA ILE B 90 -8.14 -12.34 12.14
C ILE B 90 -7.38 -12.54 10.85
N ILE B 91 -6.71 -11.45 10.45
CA ILE B 91 -5.82 -11.54 9.25
C ILE B 91 -4.45 -10.97 9.72
N HIS B 92 -3.41 -11.54 9.13
CA HIS B 92 -1.98 -11.07 9.27
C HIS B 92 -1.58 -10.45 7.93
N ALA B 93 -0.98 -9.28 7.98
CA ALA B 93 -0.55 -8.56 6.74
C ALA B 93 0.95 -8.20 6.95
N SER B 94 1.68 -8.28 5.84
CA SER B 94 3.16 -8.03 5.98
C SER B 94 3.50 -6.58 5.62
N SER B 95 2.55 -5.80 5.13
CA SER B 95 2.84 -4.41 4.73
C SER B 95 1.56 -3.58 4.85
N ILE B 96 1.75 -2.25 4.86
CA ILE B 96 0.57 -1.38 4.87
C ILE B 96 -0.25 -1.54 3.60
N GLU B 97 0.46 -1.58 2.47
CA GLU B 97 -0.26 -1.72 1.17
C GLU B 97 -1.06 -3.00 1.16
N SER B 98 -0.54 -4.12 1.67
CA SER B 98 -1.31 -5.34 1.74
C SER B 98 -2.52 -5.23 2.66
N SER B 99 -2.33 -4.59 3.82
CA SER B 99 -3.43 -4.47 4.79
C SER B 99 -4.65 -3.78 4.15
N LEU B 100 -4.41 -2.77 3.32
CA LEU B 100 -5.46 -2.03 2.64
C LEU B 100 -6.05 -2.75 1.45
N ASN B 101 -5.50 -3.91 1.12
CA ASN B 101 -6.02 -4.76 0.07
C ASN B 101 -6.78 -5.99 0.67
N LEU B 102 -6.84 -6.04 1.99
CA LEU B 102 -7.52 -7.16 2.66
C LEU B 102 -8.80 -6.72 3.38
N VAL B 103 -9.39 -5.61 2.90
CA VAL B 103 -10.61 -5.07 3.57
C VAL B 103 -11.79 -4.99 2.62
N SER B 104 -11.90 -5.90 1.66
CA SER B 104 -12.95 -5.84 0.62
C SER B 104 -14.37 -6.19 1.13
N ASP B 105 -14.50 -6.82 2.25
CA ASP B 105 -15.79 -7.24 2.80
C ASP B 105 -16.30 -6.37 3.92
N VAL B 106 -15.69 -5.18 4.18
CA VAL B 106 -16.11 -4.35 5.28
C VAL B 106 -16.64 -2.99 4.78
N GLU B 107 -17.35 -2.35 5.69
CA GLU B 107 -17.90 -1.00 5.40
C GLU B 107 -16.84 0.07 5.63
N ARG B 108 -16.35 0.25 6.84
CA ARG B 108 -15.31 1.29 7.06
C ARG B 108 -14.07 0.57 7.63
N VAL B 109 -12.96 1.24 7.53
CA VAL B 109 -11.67 0.69 8.06
C VAL B 109 -11.19 1.70 9.09
N PHE B 110 -10.83 1.30 10.27
CA PHE B 110 -10.29 2.19 11.33
C PHE B 110 -8.81 1.78 11.67
N ILE B 111 -7.99 2.83 11.70
CA ILE B 111 -6.55 2.52 12.09
C ILE B 111 -6.56 2.82 13.60
N ILE B 112 -6.33 1.82 14.45
CA ILE B 112 -6.42 1.96 15.88
C ILE B 112 -5.14 2.09 16.66
N GLY B 113 -4.00 2.04 15.97
CA GLY B 113 -2.71 2.25 16.71
C GLY B 113 -1.70 1.18 16.31
N GLY B 114 -0.44 1.26 16.83
CA GLY B 114 0.00 2.29 17.73
C GLY B 114 0.72 3.42 17.01
N ALA B 115 1.68 4.04 17.73
CA ALA B 115 2.40 5.22 17.27
C ALA B 115 3.02 5.03 15.89
N GLU B 116 3.71 3.89 15.78
CA GLU B 116 4.41 3.63 14.48
C GLU B 116 3.44 3.59 13.33
N ILE B 117 2.33 2.90 13.54
CA ILE B 117 1.29 2.78 12.47
C ILE B 117 0.71 4.14 12.14
N TYR B 118 0.34 4.90 13.17
CA TYR B 118 -0.25 6.24 12.92
C TYR B 118 0.69 7.13 12.11
N ASN B 119 1.95 7.11 12.49
CA ASN B 119 2.95 7.99 11.79
C ASN B 119 3.16 7.57 10.38
N GLU B 120 2.96 6.26 10.05
CA GLU B 120 3.09 5.78 8.69
C GLU B 120 1.81 6.03 7.88
N LEU B 121 0.65 6.06 8.54
CA LEU B 121 -0.60 6.24 7.78
C LEU B 121 -1.11 7.62 7.57
N ILE B 122 -0.70 8.56 8.40
CA ILE B 122 -1.18 9.94 8.34
C ILE B 122 -1.08 10.60 6.99
N ASN B 123 -0.01 10.30 6.24
CA ASN B 123 0.16 10.92 4.93
C ASN B 123 -0.35 10.11 3.77
N ASN B 124 -1.03 9.01 4.06
CA ASN B 124 -1.62 8.15 3.01
C ASN B 124 -2.92 8.77 2.53
N SER B 125 -3.03 9.01 1.20
CA SER B 125 -4.26 9.66 0.67
C SER B 125 -5.51 8.88 0.93
N LEU B 126 -5.42 7.57 1.26
CA LEU B 126 -6.61 6.80 1.61
C LEU B 126 -7.22 7.23 2.94
N VAL B 127 -6.44 7.76 3.81
CA VAL B 127 -6.99 8.19 5.15
C VAL B 127 -7.68 9.55 4.91
N SER B 128 -9.01 9.60 5.11
CA SER B 128 -9.72 10.87 4.82
C SER B 128 -10.35 11.53 6.05
N HIS B 129 -10.27 10.86 7.17
CA HIS B 129 -10.75 11.47 8.45
C HIS B 129 -9.77 11.10 9.59
N LEU B 130 -9.69 12.04 10.56
CA LEU B 130 -9.03 11.78 11.83
C LEU B 130 -10.14 11.95 12.92
N LEU B 131 -10.31 10.98 13.74
CA LEU B 131 -11.28 11.12 14.89
C LEU B 131 -10.34 11.24 16.11
N ILE B 132 -10.18 12.46 16.61
CA ILE B 132 -9.19 12.58 17.73
C ILE B 132 -9.98 12.97 19.00
N THR B 133 -9.73 12.22 20.04
CA THR B 133 -10.39 12.65 21.34
C THR B 133 -9.35 13.59 21.95
N GLU B 134 -9.74 14.85 22.05
CA GLU B 134 -8.78 15.85 22.63
C GLU B 134 -8.97 15.87 24.16
N ILE B 135 -7.95 15.43 24.85
CA ILE B 135 -8.00 15.36 26.34
C ILE B 135 -7.26 16.55 26.97
N GLU B 136 -7.84 17.04 28.07
CA GLU B 136 -7.07 18.18 28.76
C GLU B 136 -7.01 17.80 30.24
N HIS B 137 -5.98 18.42 30.87
CA HIS B 137 -5.76 18.12 32.32
C HIS B 137 -5.14 19.43 32.88
N PRO B 138 -5.44 19.68 34.13
CA PRO B 138 -4.89 20.93 34.78
C PRO B 138 -3.38 21.01 34.75
N SER B 139 -2.67 19.91 34.78
CA SER B 139 -1.19 19.90 34.75
C SER B 139 -0.70 18.71 33.94
N PRO B 140 -0.79 18.90 32.62
CA PRO B 140 -0.39 17.85 31.66
C PRO B 140 1.04 17.39 31.83
N GLU B 141 1.91 18.28 32.33
CA GLU B 141 3.33 17.96 32.50
C GLU B 141 3.55 16.93 33.56
N SER B 142 2.55 16.73 34.41
CA SER B 142 2.56 15.74 35.49
C SER B 142 2.29 14.33 34.96
N ILE B 143 1.86 14.28 33.71
CA ILE B 143 1.50 12.99 33.09
C ILE B 143 2.73 12.48 32.30
N GLU B 144 3.18 11.34 32.78
CA GLU B 144 4.35 10.68 32.21
C GLU B 144 4.11 10.16 30.81
N MET B 145 4.98 10.57 29.89
CA MET B 145 4.96 10.08 28.54
C MET B 145 6.17 10.12 27.62
N ASP B 146 6.12 9.12 26.70
CA ASP B 146 7.22 8.95 25.74
C ASP B 146 6.78 8.84 24.30
N THR B 147 5.49 8.94 24.04
CA THR B 147 4.99 8.69 22.64
C THR B 147 4.00 9.79 22.28
N PHE B 148 4.23 10.36 21.12
CA PHE B 148 3.44 11.54 20.68
C PHE B 148 3.03 11.41 19.22
N LEU B 149 1.95 12.11 18.87
CA LEU B 149 1.51 12.08 17.46
C LEU B 149 2.39 13.10 16.70
N LYS B 150 2.71 12.71 15.50
CA LYS B 150 3.51 13.63 14.60
C LYS B 150 2.62 13.91 13.37
N PHE B 151 1.51 14.57 13.65
CA PHE B 151 0.52 14.90 12.58
C PHE B 151 0.62 16.38 12.19
N PRO B 152 0.61 16.59 10.89
CA PRO B 152 0.69 17.99 10.37
C PRO B 152 -0.75 18.55 10.39
N LEU B 153 -1.18 18.89 11.61
CA LEU B 153 -2.58 19.36 11.82
C LEU B 153 -2.95 20.59 11.12
N GLU B 154 -1.95 21.34 10.65
CA GLU B 154 -2.14 22.55 9.86
C GLU B 154 -2.64 22.20 8.47
N SER B 155 -2.52 20.96 8.04
CA SER B 155 -2.96 20.42 6.77
C SER B 155 -4.32 19.69 6.86
N TRP B 156 -4.96 19.84 8.00
CA TRP B 156 -6.28 19.31 8.31
C TRP B 156 -7.15 20.43 8.91
N THR B 157 -8.46 20.22 8.87
CA THR B 157 -9.42 21.19 9.39
C THR B 157 -10.35 20.44 10.36
N LYS B 158 -10.49 21.02 11.54
CA LYS B 158 -11.44 20.45 12.51
C LYS B 158 -12.84 20.85 12.06
N GLN B 159 -13.69 19.89 11.92
CA GLN B 159 -15.10 20.09 11.49
C GLN B 159 -16.01 20.43 12.68
N PRO B 160 -17.17 21.01 12.38
CA PRO B 160 -18.19 21.27 13.42
C PRO B 160 -18.67 19.93 13.94
N LYS B 161 -19.19 20.00 15.15
CA LYS B 161 -19.77 18.84 15.82
C LYS B 161 -20.83 18.16 14.97
N SER B 162 -21.60 18.94 14.18
CA SER B 162 -22.66 18.35 13.37
C SER B 162 -22.08 17.34 12.35
N GLU B 163 -20.88 17.62 11.92
CA GLU B 163 -20.24 16.68 10.93
C GLU B 163 -19.82 15.40 11.62
N LEU B 164 -19.37 15.53 12.86
CA LEU B 164 -19.03 14.30 13.63
C LEU B 164 -20.30 13.54 13.92
N GLN B 165 -21.33 14.26 14.34
CA GLN B 165 -22.65 13.61 14.57
C GLN B 165 -23.10 12.78 13.36
N LYS B 166 -22.97 13.32 12.17
CA LYS B 166 -23.32 12.56 10.96
C LYS B 166 -22.54 11.26 10.82
N PHE B 167 -21.24 11.36 11.08
CA PHE B 167 -20.31 10.22 10.97
C PHE B 167 -20.72 9.09 11.90
N VAL B 168 -20.98 9.45 13.16
CA VAL B 168 -21.25 8.45 14.21
C VAL B 168 -22.71 7.99 14.30
N GLY B 169 -23.58 8.65 13.56
CA GLY B 169 -25.01 8.27 13.58
C GLY B 169 -25.70 8.60 14.91
N ASP B 170 -26.27 7.54 15.50
CA ASP B 170 -27.03 7.65 16.74
C ASP B 170 -26.23 7.78 18.01
N THR B 171 -24.90 7.71 17.95
CA THR B 171 -24.07 7.80 19.17
C THR B 171 -24.26 9.20 19.81
N VAL B 172 -24.36 9.15 21.14
CA VAL B 172 -24.53 10.39 21.92
C VAL B 172 -23.11 10.98 22.14
N LEU B 173 -23.04 12.23 21.80
CA LEU B 173 -21.80 13.02 21.97
C LEU B 173 -21.94 14.13 22.98
N GLU B 174 -21.51 13.88 24.21
CA GLU B 174 -21.56 14.95 25.24
C GLU B 174 -20.32 15.79 25.13
N ASP B 175 -20.44 17.07 25.51
CA ASP B 175 -19.33 18.01 25.46
C ASP B 175 -18.65 18.04 26.83
N ASP B 176 -17.38 18.34 26.82
CA ASP B 176 -16.54 18.58 28.01
C ASP B 176 -16.76 17.53 29.07
N ILE B 177 -16.60 16.27 28.63
CA ILE B 177 -16.80 15.13 29.55
C ILE B 177 -15.71 15.10 30.60
N LYS B 178 -16.13 14.87 31.85
CA LYS B 178 -15.11 14.80 32.93
C LYS B 178 -15.01 13.41 33.53
N GLU B 179 -13.76 12.97 33.72
CA GLU B 179 -13.50 11.71 34.44
C GLU B 179 -12.28 12.00 35.29
N GLY B 180 -12.43 12.02 36.61
CA GLY B 180 -11.21 12.38 37.44
C GLY B 180 -10.82 13.81 37.09
N ASP B 181 -9.51 14.02 36.88
CA ASP B 181 -8.97 15.31 36.51
C ASP B 181 -9.01 15.60 35.01
N PHE B 182 -9.42 14.59 34.22
CA PHE B 182 -9.41 14.85 32.74
C PHE B 182 -10.76 15.39 32.25
N THR B 183 -10.66 16.25 31.24
CA THR B 183 -11.87 16.79 30.54
C THR B 183 -11.62 16.50 29.06
N TYR B 184 -12.57 15.92 28.36
CA TYR B 184 -12.27 15.63 26.90
C TYR B 184 -13.47 15.89 26.02
N ASN B 185 -13.14 15.97 24.71
CA ASN B 185 -14.12 16.20 23.66
C ASN B 185 -13.77 15.35 22.41
N TYR B 186 -14.81 14.92 21.73
CA TYR B 186 -14.59 14.12 20.47
C TYR B 186 -14.55 15.06 19.32
N THR B 187 -13.67 14.88 18.35
CA THR B 187 -13.52 15.79 17.21
C THR B 187 -13.31 14.99 15.93
N LEU B 188 -13.65 15.64 14.83
CA LEU B 188 -13.52 15.04 13.49
C LEU B 188 -12.74 16.07 12.63
N TRP B 189 -11.79 15.52 11.91
CA TRP B 189 -10.97 16.43 11.02
C TRP B 189 -10.95 15.83 9.60
N THR B 190 -10.91 16.71 8.63
CA THR B 190 -10.76 16.27 7.21
C THR B 190 -9.60 17.09 6.63
N ARG B 191 -9.11 16.67 5.49
CA ARG B 191 -7.96 17.30 4.81
C ARG B 191 -8.24 18.67 4.20
N LYS B 192 -7.24 19.54 4.32
CA LYS B 192 -7.31 20.88 3.69
C LYS B 192 -6.98 20.73 2.20
#